data_3P5H
#
_entry.id   3P5H
#
_cell.length_a   80.11
_cell.length_b   80.11
_cell.length_c   90.72
_cell.angle_alpha   90.00
_cell.angle_beta   90.00
_cell.angle_gamma   90.00
#
_symmetry.space_group_name_H-M   'P 42'
#
loop_
_entity.id
_entity.type
_entity.pdbx_description
1 polymer 'C-type lectin domain family 4 member K'
2 branched beta-D-glucopyranose-(1-3)-beta-D-glucopyranose
3 non-polymer beta-D-glucopyranose
4 non-polymer 'CALCIUM ION'
5 water water
#
_entity_poly.entity_id   1
_entity_poly.type   'polypeptide(L)'
_entity_poly.pdbx_seq_one_letter_code
;QVVSQGWKYFKGNFYYFSLIPKTWYSAEQFCVSRNSHLTSVTSESEQEFLYKTAGGLIYWIGLTKAGMEGDWSWVDDTPF
NKVQSARFWIPGEPNNAGNNEHCGNIKAPSLQAWNDAPCDKTFLFICKRPYVPSEP
;
_entity_poly.pdbx_strand_id   A,B,C,D
#
# COMPACT_ATOMS: atom_id res chain seq x y z
N GLY A 6 -3.93 -4.59 28.41
CA GLY A 6 -2.52 -4.50 28.76
C GLY A 6 -1.70 -3.61 27.84
N TRP A 7 -2.36 -2.87 26.95
CA TRP A 7 -1.66 -1.97 26.04
C TRP A 7 -0.99 -0.85 26.82
N LYS A 8 0.23 -0.51 26.43
CA LYS A 8 1.00 0.54 27.09
C LYS A 8 0.99 1.78 26.19
N TYR A 9 0.81 2.96 26.78
CA TYR A 9 0.69 4.19 26.00
C TYR A 9 1.98 4.99 25.94
N PHE A 10 2.38 5.39 24.74
CA PHE A 10 3.59 6.19 24.56
C PHE A 10 3.46 7.06 23.32
N LYS A 11 3.48 8.37 23.54
CA LYS A 11 3.52 9.37 22.46
C LYS A 11 2.56 9.09 21.30
N GLY A 12 1.28 9.04 21.60
CA GLY A 12 0.27 8.94 20.56
C GLY A 12 0.00 7.54 20.05
N ASN A 13 0.68 6.55 20.62
CA ASN A 13 0.45 5.16 20.23
C ASN A 13 0.31 4.24 21.43
N PHE A 14 -0.46 3.16 21.24
CA PHE A 14 -0.53 2.10 22.23
C PHE A 14 0.30 0.92 21.76
N TYR A 15 0.93 0.22 22.69
CA TYR A 15 1.81 -0.90 22.39
C TYR A 15 1.40 -2.13 23.17
N TYR A 16 1.39 -3.27 22.48
CA TYR A 16 1.09 -4.56 23.08
C TYR A 16 2.32 -5.47 23.05
N PHE A 17 2.82 -5.80 24.23
CA PHE A 17 3.93 -6.73 24.36
C PHE A 17 3.34 -8.12 24.61
N SER A 18 3.50 -9.02 23.65
CA SER A 18 2.75 -10.27 23.69
C SER A 18 3.21 -11.19 24.82
N LEU A 19 2.33 -12.09 25.21
CA LEU A 19 2.66 -13.05 26.25
C LEU A 19 2.97 -14.42 25.65
N ILE A 20 2.55 -14.62 24.40
CA ILE A 20 2.85 -15.87 23.72
C ILE A 20 3.66 -15.61 22.45
N PRO A 21 4.59 -16.51 22.13
CA PRO A 21 5.45 -16.28 20.98
C PRO A 21 4.80 -16.78 19.69
N LYS A 22 5.16 -16.15 18.58
CA LYS A 22 4.65 -16.53 17.27
C LYS A 22 5.73 -16.28 16.21
N THR A 23 5.56 -16.89 15.04
CA THR A 23 6.40 -16.51 13.90
C THR A 23 6.12 -15.05 13.55
N TRP A 24 7.01 -14.46 12.75
CA TRP A 24 6.87 -13.04 12.45
C TRP A 24 5.52 -12.77 11.79
N TYR A 25 5.16 -13.57 10.79
CA TYR A 25 3.92 -13.29 10.08
C TYR A 25 2.67 -13.60 10.90
N SER A 26 2.69 -14.69 11.67
CA SER A 26 1.55 -14.99 12.51
C SER A 26 1.37 -13.91 13.58
N ALA A 27 2.49 -13.34 14.04
CA ALA A 27 2.47 -12.19 14.93
C ALA A 27 1.82 -11.00 14.25
N GLU A 28 2.29 -10.67 13.05
CA GLU A 28 1.72 -9.54 12.32
C GLU A 28 0.21 -9.73 12.11
N GLN A 29 -0.20 -10.95 11.77
CA GLN A 29 -1.63 -11.24 11.65
C GLN A 29 -2.40 -11.02 12.95
N PHE A 30 -1.80 -11.43 14.06
CA PHE A 30 -2.41 -11.15 15.35
C PHE A 30 -2.54 -9.63 15.53
N CYS A 31 -1.47 -8.89 15.24
CA CYS A 31 -1.56 -7.43 15.36
C CYS A 31 -2.68 -6.86 14.50
N VAL A 32 -2.76 -7.30 13.25
CA VAL A 32 -3.77 -6.80 12.34
C VAL A 32 -5.17 -7.12 12.86
N SER A 33 -5.32 -8.27 13.50
CA SER A 33 -6.61 -8.63 14.07
C SER A 33 -7.02 -7.70 15.22
N ARG A 34 -6.05 -6.97 15.76
CA ARG A 34 -6.29 -6.03 16.84
C ARG A 34 -6.13 -4.60 16.35
N ASN A 35 -6.37 -4.38 15.06
CA ASN A 35 -6.30 -3.04 14.47
C ASN A 35 -4.93 -2.39 14.67
N SER A 36 -3.87 -3.19 14.51
CA SER A 36 -2.52 -2.68 14.72
C SER A 36 -1.54 -3.35 13.76
N HIS A 37 -0.25 -3.09 13.96
CA HIS A 37 0.82 -3.69 13.15
C HIS A 37 1.99 -3.96 14.05
N LEU A 38 2.86 -4.90 13.67
CA LEU A 38 4.13 -5.00 14.40
C LEU A 38 4.79 -3.62 14.38
N THR A 39 5.40 -3.24 15.50
CA THR A 39 5.82 -1.87 15.69
C THR A 39 6.94 -1.42 14.76
N SER A 40 6.81 -0.20 14.26
CA SER A 40 7.93 0.52 13.65
C SER A 40 8.72 1.22 14.76
N VAL A 41 9.91 1.71 14.43
CA VAL A 41 10.72 2.47 15.38
C VAL A 41 11.30 3.66 14.65
N THR A 42 10.94 4.88 15.07
CA THR A 42 11.32 6.05 14.27
C THR A 42 12.02 7.16 15.06
N SER A 43 12.37 6.87 16.30
CA SER A 43 13.11 7.85 17.09
C SER A 43 13.89 7.14 18.17
N GLU A 44 14.93 7.81 18.64
CA GLU A 44 15.73 7.30 19.75
C GLU A 44 14.84 7.04 20.97
N SER A 45 13.87 7.92 21.21
CA SER A 45 13.02 7.76 22.38
C SER A 45 12.04 6.59 22.26
N GLU A 46 11.65 6.26 21.02
CA GLU A 46 10.80 5.09 20.84
C GLU A 46 11.61 3.81 20.99
N GLN A 47 12.81 3.79 20.41
CA GLN A 47 13.72 2.68 20.61
C GLN A 47 13.96 2.43 22.09
N GLU A 48 14.22 3.52 22.81
CA GLU A 48 14.48 3.42 24.24
C GLU A 48 13.28 2.86 24.99
N PHE A 49 12.09 3.41 24.71
CA PHE A 49 10.85 2.92 25.30
C PHE A 49 10.68 1.42 25.07
N LEU A 50 10.89 1.01 23.83
CA LEU A 50 10.72 -0.39 23.47
C LEU A 50 11.71 -1.32 24.17
N TYR A 51 13.00 -1.01 24.13
CA TYR A 51 13.97 -1.95 24.68
C TYR A 51 13.91 -1.99 26.21
N LYS A 52 13.61 -0.85 26.82
CA LYS A 52 13.42 -0.83 28.27
C LYS A 52 12.20 -1.66 28.69
N THR A 53 11.11 -1.53 27.94
CA THR A 53 9.92 -2.31 28.24
C THR A 53 10.12 -3.80 27.95
N ALA A 54 10.95 -4.11 26.97
CA ALA A 54 11.20 -5.51 26.62
C ALA A 54 11.90 -6.27 27.73
N GLY A 55 12.52 -5.54 28.65
CA GLY A 55 13.13 -6.12 29.84
C GLY A 55 14.12 -7.24 29.60
N GLY A 56 14.89 -7.15 28.53
CA GLY A 56 15.90 -8.16 28.22
C GLY A 56 15.45 -9.37 27.42
N LEU A 57 14.16 -9.42 27.07
CA LEU A 57 13.61 -10.50 26.25
C LEU A 57 13.51 -10.07 24.79
N ILE A 58 13.51 -11.05 23.90
CA ILE A 58 13.51 -10.78 22.45
C ILE A 58 12.09 -10.70 21.91
N TYR A 59 11.82 -9.64 21.15
CA TYR A 59 10.47 -9.42 20.58
C TYR A 59 10.57 -9.09 19.11
N TRP A 60 9.77 -9.78 18.30
CA TRP A 60 9.60 -9.37 16.91
C TRP A 60 9.13 -7.92 16.84
N ILE A 61 9.72 -7.13 15.94
CA ILE A 61 9.15 -5.84 15.58
C ILE A 61 8.83 -5.86 14.08
N GLY A 62 8.36 -4.75 13.54
CA GLY A 62 7.87 -4.71 12.16
C GLY A 62 8.90 -4.65 11.05
N LEU A 63 10.15 -5.01 11.37
CA LEU A 63 11.22 -5.02 10.37
C LEU A 63 11.10 -6.21 9.45
N THR A 64 11.09 -5.98 8.14
CA THR A 64 11.08 -7.08 7.19
C THR A 64 11.64 -6.60 5.85
N LYS A 65 12.15 -7.51 5.03
CA LYS A 65 12.71 -7.12 3.73
C LYS A 65 11.65 -6.87 2.65
N ALA A 66 11.97 -5.96 1.74
CA ALA A 66 11.09 -5.63 0.62
C ALA A 66 11.90 -5.24 -0.61
N GLY A 67 11.36 -5.50 -1.79
CA GLY A 67 12.05 -5.21 -3.03
C GLY A 67 13.14 -6.22 -3.39
N MET A 68 13.57 -6.19 -4.64
CA MET A 68 14.60 -7.11 -5.12
C MET A 68 15.92 -6.95 -4.37
N GLU A 69 16.20 -5.74 -3.91
CA GLU A 69 17.47 -5.42 -3.28
C GLU A 69 17.54 -5.96 -1.85
N GLY A 70 16.40 -6.39 -1.32
CA GLY A 70 16.34 -6.86 0.06
C GLY A 70 16.53 -5.73 1.06
N ASP A 71 16.11 -4.52 0.67
CA ASP A 71 16.16 -3.39 1.59
C ASP A 71 15.22 -3.65 2.76
N TRP A 72 15.61 -3.18 3.93
CA TRP A 72 14.73 -3.27 5.09
C TRP A 72 13.57 -2.32 4.95
N SER A 73 12.45 -2.70 5.56
CA SER A 73 11.21 -1.92 5.46
C SER A 73 10.42 -2.12 6.74
N TRP A 74 9.40 -1.30 6.91
CA TRP A 74 8.47 -1.44 8.02
C TRP A 74 7.10 -1.93 7.53
N VAL A 75 6.56 -2.94 8.19
CA VAL A 75 5.29 -3.52 7.75
C VAL A 75 4.12 -2.53 7.86
N ASP A 76 4.25 -1.55 8.77
CA ASP A 76 3.20 -0.53 8.88
C ASP A 76 3.33 0.58 7.84
N ASP A 77 4.27 0.40 6.91
CA ASP A 77 4.51 1.30 5.78
C ASP A 77 5.21 2.62 6.09
N THR A 78 5.65 2.82 7.32
CA THR A 78 6.61 3.87 7.61
C THR A 78 7.80 3.72 6.66
N PRO A 79 8.16 4.78 5.94
CA PRO A 79 9.37 4.65 5.11
C PRO A 79 10.58 4.31 5.98
N PHE A 80 11.41 3.39 5.50
CA PHE A 80 12.59 3.01 6.25
C PHE A 80 13.76 3.93 5.93
N ASN A 81 14.32 4.55 6.98
CA ASN A 81 15.39 5.54 6.83
C ASN A 81 16.71 4.89 7.22
N LYS A 82 17.48 4.49 6.22
CA LYS A 82 18.71 3.73 6.43
C LYS A 82 19.73 4.51 7.26
N VAL A 83 19.85 5.81 6.98
CA VAL A 83 20.79 6.67 7.70
C VAL A 83 20.41 6.87 9.16
N GLN A 84 19.14 7.16 9.40
CA GLN A 84 18.69 7.48 10.75
C GLN A 84 18.58 6.23 11.62
N SER A 85 18.53 5.06 10.98
CA SER A 85 18.35 3.80 11.70
CA SER A 85 18.36 3.82 11.75
C SER A 85 19.66 3.05 11.91
N ALA A 86 20.74 3.55 11.31
CA ALA A 86 22.03 2.86 11.39
C ALA A 86 22.42 2.60 12.85
N ARG A 87 22.06 3.54 13.73
CA ARG A 87 22.45 3.48 15.12
C ARG A 87 21.68 2.42 15.91
N PHE A 88 20.68 1.82 15.29
CA PHE A 88 19.73 0.99 16.05
C PHE A 88 20.00 -0.52 16.00
N TRP A 89 20.92 -0.95 15.13
CA TRP A 89 21.28 -2.35 15.03
C TRP A 89 22.35 -2.78 16.04
N ILE A 90 22.31 -4.06 16.39
CA ILE A 90 23.41 -4.68 17.12
C ILE A 90 24.63 -4.72 16.19
N PRO A 91 25.80 -4.30 16.70
CA PRO A 91 27.04 -4.38 15.93
C PRO A 91 27.17 -5.72 15.23
N GLY A 92 27.37 -5.70 13.91
CA GLY A 92 27.48 -6.91 13.14
C GLY A 92 26.18 -7.30 12.44
N GLU A 93 25.10 -6.64 12.82
CA GLU A 93 23.81 -6.89 12.19
C GLU A 93 23.37 -5.69 11.36
N PRO A 94 22.56 -5.94 10.32
CA PRO A 94 22.07 -7.27 9.97
C PRO A 94 23.14 -8.06 9.26
N ASN A 95 23.34 -9.30 9.70
CA ASN A 95 24.40 -10.13 9.17
C ASN A 95 23.87 -11.17 8.19
N ASN A 96 22.55 -11.31 8.17
CA ASN A 96 21.91 -12.27 7.28
C ASN A 96 22.46 -13.69 7.45
N ALA A 97 22.23 -14.28 8.61
CA ALA A 97 22.73 -15.61 8.93
C ALA A 97 22.03 -16.71 8.13
N GLY A 98 22.82 -17.64 7.61
CA GLY A 98 22.28 -18.73 6.80
C GLY A 98 21.57 -18.22 5.57
N ASN A 99 21.83 -16.97 5.20
CA ASN A 99 21.14 -16.36 4.07
C ASN A 99 19.64 -16.49 4.19
N ASN A 100 19.14 -16.44 5.43
CA ASN A 100 17.72 -16.69 5.66
C ASN A 100 17.14 -15.84 6.80
N GLU A 101 17.57 -14.59 6.89
CA GLU A 101 17.09 -13.75 7.97
C GLU A 101 16.47 -12.50 7.40
N HIS A 102 15.17 -12.56 7.18
CA HIS A 102 14.48 -11.55 6.41
C HIS A 102 13.46 -10.79 7.24
N CYS A 103 13.48 -11.02 8.55
CA CYS A 103 12.67 -10.28 9.52
C CYS A 103 13.55 -9.80 10.67
N GLY A 104 13.07 -8.83 11.45
CA GLY A 104 13.88 -8.21 12.48
C GLY A 104 13.20 -8.19 13.84
N ASN A 105 14.01 -8.33 14.89
CA ASN A 105 13.53 -8.28 16.27
C ASN A 105 14.33 -7.31 17.10
N ILE A 106 13.79 -6.95 18.28
CA ILE A 106 14.56 -6.23 19.29
C ILE A 106 15.15 -7.30 20.21
N LYS A 107 16.47 -7.24 20.40
CA LYS A 107 17.18 -8.35 21.04
C LYS A 107 18.02 -7.92 22.24
N ALA A 108 18.68 -6.78 22.13
CA ALA A 108 19.55 -6.30 23.21
C ALA A 108 18.98 -5.06 23.88
N PRO A 109 19.15 -4.96 25.21
CA PRO A 109 18.70 -3.79 25.97
C PRO A 109 19.70 -2.66 25.81
N SER A 110 19.67 -2.05 24.64
CA SER A 110 20.59 -0.98 24.27
C SER A 110 19.96 -0.26 23.09
N LEU A 111 20.39 0.96 22.83
CA LEU A 111 19.94 1.63 21.61
C LEU A 111 20.34 0.78 20.42
N GLN A 112 21.50 0.12 20.54
CA GLN A 112 21.92 -0.83 19.51
C GLN A 112 21.27 -2.19 19.79
N ALA A 113 20.05 -2.37 19.30
CA ALA A 113 19.16 -3.43 19.80
C ALA A 113 18.73 -4.48 18.76
N TRP A 114 18.68 -4.09 17.49
CA TRP A 114 18.03 -4.94 16.51
C TRP A 114 18.91 -6.07 15.99
N ASN A 115 18.27 -7.20 15.68
CA ASN A 115 18.89 -8.32 14.97
C ASN A 115 17.98 -8.84 13.87
N ASP A 116 18.57 -9.28 12.76
CA ASP A 116 17.79 -9.98 11.76
C ASP A 116 17.79 -11.47 12.08
N ALA A 117 16.62 -12.07 12.01
CA ALA A 117 16.46 -13.47 12.39
C ALA A 117 15.49 -14.10 11.42
N PRO A 118 15.45 -15.44 11.37
CA PRO A 118 14.59 -16.10 10.40
C PRO A 118 13.11 -15.84 10.71
N CYS A 119 12.34 -15.47 9.68
CA CYS A 119 10.94 -15.12 9.88
C CYS A 119 10.11 -16.24 10.50
N ASP A 120 10.55 -17.49 10.34
CA ASP A 120 9.77 -18.63 10.84
C ASP A 120 10.11 -19.03 12.28
N LYS A 121 11.03 -18.31 12.90
CA LYS A 121 11.37 -18.55 14.30
C LYS A 121 10.29 -17.89 15.15
N THR A 122 10.04 -18.45 16.34
CA THR A 122 8.98 -17.91 17.16
C THR A 122 9.55 -17.06 18.29
N PHE A 123 8.98 -15.86 18.44
CA PHE A 123 9.36 -14.96 19.51
C PHE A 123 8.12 -14.24 19.99
N LEU A 124 8.20 -13.70 21.21
CA LEU A 124 7.24 -12.71 21.65
C LEU A 124 7.28 -11.58 20.62
N PHE A 125 6.26 -10.73 20.61
CA PHE A 125 6.16 -9.71 19.58
C PHE A 125 5.51 -8.43 20.11
N ILE A 126 5.75 -7.32 19.43
CA ILE A 126 5.16 -6.05 19.87
C ILE A 126 4.27 -5.43 18.80
N CYS A 127 3.00 -5.21 19.13
CA CYS A 127 2.08 -4.49 18.24
C CYS A 127 2.06 -3.00 18.57
N LYS A 128 1.80 -2.19 17.57
CA LYS A 128 1.68 -0.74 17.76
C LYS A 128 0.37 -0.30 17.14
N ARG A 129 -0.43 0.44 17.91
CA ARG A 129 -1.78 0.85 17.55
C ARG A 129 -1.90 2.37 17.75
N PRO A 130 -2.24 3.10 16.69
CA PRO A 130 -2.37 4.56 16.78
C PRO A 130 -3.52 4.94 17.72
N TYR A 131 -3.32 5.97 18.54
CA TYR A 131 -4.45 6.53 19.26
C TYR A 131 -4.99 7.68 18.43
N VAL A 132 -6.28 7.70 18.19
CA VAL A 132 -6.88 8.78 17.40
C VAL A 132 -7.98 9.49 18.19
N PRO A 133 -7.65 10.64 18.79
CA PRO A 133 -8.64 11.38 19.61
C PRO A 133 -9.84 11.80 18.77
N GLN B 5 -26.69 6.89 -2.97
CA GLN B 5 -26.84 5.58 -3.60
C GLN B 5 -27.11 5.67 -5.10
N GLY B 6 -27.88 4.71 -5.61
CA GLY B 6 -27.95 4.49 -7.04
C GLY B 6 -26.75 3.66 -7.47
N TRP B 7 -26.16 2.93 -6.53
CA TRP B 7 -25.05 2.06 -6.87
C TRP B 7 -25.54 0.94 -7.77
N LYS B 8 -24.76 0.62 -8.79
CA LYS B 8 -25.15 -0.39 -9.76
C LYS B 8 -24.30 -1.64 -9.56
N TYR B 9 -24.94 -2.80 -9.58
CA TYR B 9 -24.23 -4.04 -9.29
C TYR B 9 -23.78 -4.76 -10.54
N PHE B 10 -22.56 -5.29 -10.51
CA PHE B 10 -22.04 -6.07 -11.61
C PHE B 10 -20.90 -6.96 -11.15
N LYS B 11 -21.10 -8.27 -11.28
CA LYS B 11 -20.05 -9.26 -11.02
C LYS B 11 -19.30 -9.04 -9.72
N GLY B 12 -20.04 -8.87 -8.62
CA GLY B 12 -19.42 -8.86 -7.31
C GLY B 12 -18.98 -7.48 -6.85
N ASN B 13 -19.22 -6.48 -7.69
CA ASN B 13 -18.86 -5.11 -7.34
C ASN B 13 -20.05 -4.16 -7.50
N PHE B 14 -20.04 -3.07 -6.74
CA PHE B 14 -21.01 -1.98 -6.88
C PHE B 14 -20.34 -0.73 -7.46
N TYR B 15 -21.03 -0.04 -8.35
CA TYR B 15 -20.47 1.12 -9.04
C TYR B 15 -21.32 2.37 -8.89
N TYR B 16 -20.66 3.48 -8.70
CA TYR B 16 -21.34 4.77 -8.57
C TYR B 16 -20.93 5.67 -9.72
N PHE B 17 -21.90 6.03 -10.57
CA PHE B 17 -21.64 6.99 -11.65
C PHE B 17 -22.04 8.39 -11.19
N SER B 18 -21.07 9.28 -11.01
CA SER B 18 -21.35 10.57 -10.36
C SER B 18 -22.24 11.48 -11.20
N LEU B 19 -22.91 12.41 -10.51
CA LEU B 19 -23.75 13.40 -11.18
C LEU B 19 -23.07 14.77 -11.18
N ILE B 20 -22.00 14.88 -10.39
CA ILE B 20 -21.26 16.13 -10.27
C ILE B 20 -19.82 15.86 -10.73
N PRO B 21 -19.22 16.79 -11.49
CA PRO B 21 -17.85 16.62 -11.95
C PRO B 21 -16.83 17.12 -10.93
N LYS B 22 -15.67 16.47 -10.90
CA LYS B 22 -14.58 16.83 -10.02
C LYS B 22 -13.25 16.56 -10.72
N THR B 23 -12.18 17.11 -10.16
CA THR B 23 -10.84 16.73 -10.61
C THR B 23 -10.62 15.27 -10.24
N TRP B 24 -9.62 14.65 -10.86
CA TRP B 24 -9.35 13.25 -10.58
C TRP B 24 -9.19 12.99 -9.10
N TYR B 25 -8.34 13.77 -8.43
CA TYR B 25 -8.06 13.49 -7.02
C TYR B 25 -9.24 13.82 -6.10
N SER B 26 -9.93 14.91 -6.37
CA SER B 26 -11.12 15.22 -5.59
C SER B 26 -12.19 14.15 -5.81
N ALA B 27 -12.25 13.57 -7.01
CA ALA B 27 -13.15 12.44 -7.27
C ALA B 27 -12.73 11.24 -6.43
N GLU B 28 -11.44 10.92 -6.46
CA GLU B 28 -10.95 9.79 -5.66
C GLU B 28 -11.25 9.99 -4.18
N GLN B 29 -11.05 11.20 -3.66
CA GLN B 29 -11.38 11.48 -2.26
C GLN B 29 -12.86 11.26 -1.96
N PHE B 30 -13.72 11.64 -2.90
CA PHE B 30 -15.14 11.40 -2.75
C PHE B 30 -15.40 9.89 -2.71
N CYS B 31 -14.79 9.16 -3.62
CA CYS B 31 -14.96 7.70 -3.60
C CYS B 31 -14.50 7.13 -2.25
N VAL B 32 -13.33 7.58 -1.78
CA VAL B 32 -12.81 7.05 -0.52
C VAL B 32 -13.78 7.36 0.64
N SER B 33 -14.44 8.52 0.59
CA SER B 33 -15.39 8.88 1.64
C SER B 33 -16.64 7.99 1.60
N ARG B 34 -16.79 7.24 0.52
CA ARG B 34 -17.89 6.29 0.38
C ARG B 34 -17.40 4.84 0.35
N ASN B 35 -16.28 4.59 1.03
CA ASN B 35 -15.74 3.25 1.12
C ASN B 35 -15.49 2.63 -0.24
N SER B 36 -14.93 3.40 -1.17
CA SER B 36 -14.72 2.92 -2.52
C SER B 36 -13.48 3.59 -3.12
N HIS B 37 -13.22 3.32 -4.40
CA HIS B 37 -12.13 3.97 -5.14
C HIS B 37 -12.61 4.26 -6.54
N LEU B 38 -11.99 5.21 -7.24
CA LEU B 38 -12.23 5.29 -8.67
C LEU B 38 -12.00 3.90 -9.27
N THR B 39 -12.85 3.52 -10.22
CA THR B 39 -12.90 2.13 -10.68
C THR B 39 -11.66 1.68 -11.46
N SER B 40 -11.22 0.46 -11.17
CA SER B 40 -10.33 -0.28 -12.04
C SER B 40 -11.13 -1.00 -13.13
N VAL B 41 -10.45 -1.51 -14.15
CA VAL B 41 -11.08 -2.26 -15.22
C VAL B 41 -10.24 -3.50 -15.50
N THR B 42 -10.81 -4.69 -15.28
CA THR B 42 -10.01 -5.91 -15.32
C THR B 42 -10.51 -6.99 -16.29
N SER B 43 -11.45 -6.66 -17.15
CA SER B 43 -11.96 -7.62 -18.10
C SER B 43 -12.74 -6.88 -19.19
N GLU B 44 -12.90 -7.54 -20.32
CA GLU B 44 -13.72 -7.00 -21.39
C GLU B 44 -15.16 -6.78 -20.91
N SER B 45 -15.69 -7.73 -20.14
CA SER B 45 -17.06 -7.57 -19.66
C SER B 45 -17.22 -6.33 -18.79
N GLU B 46 -16.22 -6.03 -17.96
CA GLU B 46 -16.28 -4.86 -17.11
C GLU B 46 -16.17 -3.59 -17.93
N GLN B 47 -15.27 -3.60 -18.91
CA GLN B 47 -15.12 -2.45 -19.80
C GLN B 47 -16.43 -2.15 -20.51
N GLU B 48 -17.08 -3.20 -21.02
CA GLU B 48 -18.34 -3.04 -21.74
C GLU B 48 -19.44 -2.49 -20.82
N PHE B 49 -19.54 -3.05 -19.62
CA PHE B 49 -20.48 -2.55 -18.64
C PHE B 49 -20.28 -1.06 -18.37
N LEU B 50 -19.02 -0.66 -18.22
CA LEU B 50 -18.72 0.72 -17.90
C LEU B 50 -19.02 1.68 -19.06
N TYR B 51 -18.54 1.37 -20.26
CA TYR B 51 -18.73 2.32 -21.37
C TYR B 51 -20.19 2.40 -21.80
N LYS B 52 -20.90 1.28 -21.73
CA LYS B 52 -22.32 1.32 -22.06
C LYS B 52 -23.10 2.13 -21.03
N THR B 53 -22.79 1.92 -19.75
CA THR B 53 -23.49 2.65 -18.71
C THR B 53 -23.12 4.15 -18.77
N ALA B 54 -21.90 4.45 -19.20
CA ALA B 54 -21.45 5.84 -19.35
C ALA B 54 -22.27 6.66 -20.34
N GLY B 55 -22.87 6.00 -21.32
CA GLY B 55 -23.81 6.63 -22.24
C GLY B 55 -23.26 7.80 -23.05
N GLY B 56 -21.98 7.72 -23.39
CA GLY B 56 -21.37 8.73 -24.25
C GLY B 56 -20.78 9.93 -23.52
N LEU B 57 -20.87 9.93 -22.19
CA LEU B 57 -20.27 10.98 -21.38
C LEU B 57 -18.90 10.53 -20.87
N ILE B 58 -18.01 11.49 -20.59
CA ILE B 58 -16.65 11.18 -20.13
C ILE B 58 -16.58 11.09 -18.60
N TYR B 59 -16.05 9.97 -18.11
CA TYR B 59 -15.92 9.74 -16.66
C TYR B 59 -14.47 9.42 -16.28
N TRP B 60 -13.97 10.10 -15.25
CA TRP B 60 -12.72 9.66 -14.62
C TRP B 60 -12.85 8.23 -14.14
N ILE B 61 -11.80 7.44 -14.37
CA ILE B 61 -11.66 6.13 -13.74
C ILE B 61 -10.34 6.09 -12.98
N GLY B 62 -10.01 4.95 -12.37
CA GLY B 62 -8.88 4.89 -11.46
C GLY B 62 -7.49 4.85 -12.07
N LEU B 63 -7.35 5.20 -13.36
CA LEU B 63 -6.07 5.22 -14.06
C LEU B 63 -5.22 6.40 -13.61
N THR B 64 -4.01 6.13 -13.15
CA THR B 64 -3.10 7.21 -12.84
C THR B 64 -1.68 6.67 -12.90
N LYS B 65 -0.71 7.56 -13.11
CA LYS B 65 0.69 7.14 -13.15
C LYS B 65 1.29 6.91 -11.77
N ALA B 66 2.21 5.94 -11.69
CA ALA B 66 2.90 5.64 -10.45
C ALA B 66 4.33 5.25 -10.78
N GLY B 67 5.23 5.45 -9.83
CA GLY B 67 6.62 5.10 -10.03
C GLY B 67 7.39 6.10 -10.88
N MET B 68 8.71 6.06 -10.81
CA MET B 68 9.57 6.97 -11.57
C MET B 68 9.31 6.91 -13.06
N GLU B 69 8.96 5.72 -13.55
CA GLU B 69 8.87 5.47 -14.97
C GLU B 69 7.55 5.97 -15.57
N GLY B 70 6.60 6.29 -14.69
CA GLY B 70 5.31 6.77 -15.13
C GLY B 70 4.44 5.70 -15.77
N ASP B 71 4.57 4.46 -15.31
CA ASP B 71 3.73 3.40 -15.83
C ASP B 71 2.33 3.57 -15.27
N TRP B 72 1.33 3.12 -16.01
CA TRP B 72 -0.04 3.27 -15.56
C TRP B 72 -0.35 2.31 -14.43
N SER B 73 -1.23 2.73 -13.53
CA SER B 73 -1.58 1.94 -12.36
C SER B 73 -3.03 2.18 -12.03
N TRP B 74 -3.57 1.36 -11.14
CA TRP B 74 -4.94 1.52 -10.65
C TRP B 74 -4.90 2.05 -9.22
N VAL B 75 -5.66 3.09 -8.93
CA VAL B 75 -5.65 3.66 -7.59
C VAL B 75 -6.20 2.70 -6.52
N ASP B 76 -7.04 1.75 -6.92
CA ASP B 76 -7.53 0.75 -5.95
C ASP B 76 -6.51 -0.35 -5.66
N ASP B 77 -5.32 -0.21 -6.23
CA ASP B 77 -4.18 -1.13 -6.04
C ASP B 77 -4.28 -2.47 -6.77
N THR B 78 -5.30 -2.67 -7.60
CA THR B 78 -5.27 -3.78 -8.54
C THR B 78 -3.99 -3.68 -9.37
N PRO B 79 -3.20 -4.75 -9.43
CA PRO B 79 -2.01 -4.70 -10.29
C PRO B 79 -2.41 -4.38 -11.72
N PHE B 80 -1.73 -3.44 -12.37
CA PHE B 80 -2.11 -3.05 -13.72
C PHE B 80 -1.49 -4.03 -14.72
N ASN B 81 -2.34 -4.62 -15.55
CA ASN B 81 -1.89 -5.60 -16.55
C ASN B 81 -1.76 -4.88 -17.89
N LYS B 82 -0.53 -4.53 -18.26
CA LYS B 82 -0.33 -3.72 -19.45
C LYS B 82 -0.71 -4.47 -20.72
N VAL B 83 -0.32 -5.73 -20.79
CA VAL B 83 -0.63 -6.55 -21.95
C VAL B 83 -2.13 -6.61 -22.19
N GLN B 84 -2.88 -6.94 -21.15
CA GLN B 84 -4.31 -7.18 -21.29
C GLN B 84 -5.11 -5.87 -21.34
N SER B 85 -4.48 -4.76 -21.00
CA SER B 85 -5.16 -3.47 -21.01
C SER B 85 -4.97 -2.70 -22.31
N ALA B 86 -4.01 -3.13 -23.13
CA ALA B 86 -3.67 -2.35 -24.34
C ALA B 86 -4.91 -2.15 -25.22
N ARG B 87 -5.78 -3.15 -25.26
CA ARG B 87 -6.98 -3.12 -26.09
C ARG B 87 -8.01 -2.09 -25.63
N PHE B 88 -7.82 -1.54 -24.45
CA PHE B 88 -8.84 -0.67 -23.84
C PHE B 88 -8.63 0.83 -24.07
N TRP B 89 -7.47 1.21 -24.58
CA TRP B 89 -7.19 2.60 -24.92
C TRP B 89 -7.74 2.96 -26.29
N ILE B 90 -8.20 4.19 -26.41
CA ILE B 90 -8.49 4.75 -27.72
C ILE B 90 -7.18 4.71 -28.52
N PRO B 91 -7.24 4.24 -29.77
CA PRO B 91 -6.04 4.19 -30.59
C PRO B 91 -5.28 5.53 -30.58
N GLY B 92 -3.97 5.49 -30.30
CA GLY B 92 -3.19 6.70 -30.21
C GLY B 92 -2.99 7.17 -28.77
N GLU B 93 -3.79 6.64 -27.86
CA GLU B 93 -3.66 6.98 -26.46
C GLU B 93 -2.99 5.82 -25.72
N PRO B 94 -2.32 6.10 -24.59
CA PRO B 94 -2.09 7.41 -23.98
C PRO B 94 -1.05 8.23 -24.72
N ASN B 95 -1.35 9.51 -24.95
CA ASN B 95 -0.45 10.35 -25.74
C ASN B 95 0.28 11.44 -24.94
N ASN B 96 -0.01 11.55 -23.65
CA ASN B 96 0.63 12.55 -22.78
C ASN B 96 0.69 13.94 -23.41
N ALA B 97 -0.45 14.42 -23.91
CA ALA B 97 -0.49 15.73 -24.54
C ALA B 97 0.11 16.78 -23.61
N GLY B 98 0.99 17.62 -24.15
CA GLY B 98 1.57 18.70 -23.37
C GLY B 98 2.44 18.19 -22.24
N ASN B 99 2.74 16.89 -22.26
CA ASN B 99 3.51 16.25 -21.22
C ASN B 99 2.83 16.45 -19.87
N ASN B 100 1.50 16.45 -19.88
CA ASN B 100 0.77 16.79 -18.66
C ASN B 100 -0.51 15.98 -18.45
N GLU B 101 -0.52 14.75 -18.95
CA GLU B 101 -1.71 13.92 -18.78
C GLU B 101 -1.38 12.65 -17.98
N HIS B 102 -1.65 12.70 -16.68
CA HIS B 102 -1.16 11.68 -15.77
C HIS B 102 -2.29 10.90 -15.11
N CYS B 103 -3.52 11.14 -15.58
CA CYS B 103 -4.72 10.44 -15.10
C CYS B 103 -5.52 9.97 -16.31
N GLY B 104 -6.42 9.02 -16.12
CA GLY B 104 -7.13 8.45 -17.25
C GLY B 104 -8.64 8.43 -17.07
N ASN B 105 -9.37 8.53 -18.18
CA ASN B 105 -10.83 8.50 -18.15
C ASN B 105 -11.42 7.56 -19.18
N ILE B 106 -12.69 7.22 -19.01
CA ILE B 106 -13.46 6.59 -20.07
C ILE B 106 -14.07 7.70 -20.92
N LYS B 107 -13.70 7.71 -22.20
CA LYS B 107 -14.07 8.77 -23.14
C LYS B 107 -14.96 8.26 -24.27
N ALA B 108 -14.49 7.28 -25.05
CA ALA B 108 -15.27 6.82 -26.20
C ALA B 108 -16.17 5.63 -25.87
N PRO B 109 -17.43 5.65 -26.34
CA PRO B 109 -18.32 4.49 -26.19
C PRO B 109 -17.92 3.33 -27.11
N SER B 110 -16.86 2.63 -26.71
CA SER B 110 -16.26 1.54 -27.46
C SER B 110 -15.39 0.75 -26.48
N LEU B 111 -15.07 -0.50 -26.80
CA LEU B 111 -14.11 -1.23 -25.98
C LEU B 111 -12.79 -0.46 -25.96
N GLN B 112 -12.50 0.23 -27.05
CA GLN B 112 -11.36 1.15 -27.09
C GLN B 112 -11.85 2.52 -26.59
N ALA B 113 -11.76 2.74 -25.27
CA ALA B 113 -12.46 3.84 -24.62
C ALA B 113 -11.58 4.85 -23.86
N TRP B 114 -10.44 4.39 -23.36
CA TRP B 114 -9.68 5.22 -22.44
C TRP B 114 -8.87 6.34 -23.11
N ASN B 115 -8.79 7.46 -22.41
CA ASN B 115 -7.90 8.56 -22.76
C ASN B 115 -7.13 9.05 -21.55
N ASP B 116 -5.86 9.41 -21.73
CA ASP B 116 -5.17 10.14 -20.68
C ASP B 116 -5.45 11.63 -20.79
N ALA B 117 -5.69 12.27 -19.65
CA ALA B 117 -6.09 13.66 -19.58
C ALA B 117 -5.45 14.33 -18.36
N PRO B 118 -5.37 15.66 -18.37
CA PRO B 118 -4.78 16.37 -17.23
C PRO B 118 -5.56 16.10 -15.95
N CYS B 119 -4.88 15.74 -14.87
CA CYS B 119 -5.54 15.37 -13.62
C CYS B 119 -6.43 16.48 -13.03
N ASP B 120 -6.12 17.73 -13.39
CA ASP B 120 -6.83 18.89 -12.87
C ASP B 120 -8.08 19.26 -13.66
N LYS B 121 -8.35 18.53 -14.75
CA LYS B 121 -9.59 18.70 -15.50
C LYS B 121 -10.74 18.10 -14.70
N THR B 122 -11.93 18.69 -14.82
CA THR B 122 -13.09 18.19 -14.11
C THR B 122 -13.99 17.34 -15.01
N PHE B 123 -14.32 16.14 -14.54
CA PHE B 123 -15.21 15.25 -15.25
C PHE B 123 -16.10 14.56 -14.23
N LEU B 124 -17.23 14.03 -14.70
CA LEU B 124 -17.94 13.04 -13.91
C LEU B 124 -16.96 11.89 -13.62
N PHE B 125 -17.29 11.04 -12.65
CA PHE B 125 -16.38 9.97 -12.25
C PHE B 125 -17.13 8.71 -11.81
N ILE B 126 -16.44 7.58 -11.83
CA ILE B 126 -17.02 6.28 -11.47
C ILE B 126 -16.28 5.65 -10.28
N CYS B 127 -16.98 5.42 -9.17
CA CYS B 127 -16.42 4.72 -8.03
C CYS B 127 -16.76 3.23 -8.10
N LYS B 128 -15.92 2.40 -7.49
CA LYS B 128 -16.14 0.96 -7.46
C LYS B 128 -15.89 0.44 -6.06
N ARG B 129 -16.75 -0.47 -5.61
CA ARG B 129 -16.46 -1.17 -4.35
C ARG B 129 -16.99 -2.58 -4.37
N PRO B 130 -16.17 -3.53 -3.90
CA PRO B 130 -16.61 -4.92 -3.85
C PRO B 130 -17.74 -5.09 -2.84
N TYR B 131 -18.63 -6.02 -3.15
CA TYR B 131 -19.61 -6.46 -2.17
C TYR B 131 -18.85 -7.27 -1.14
N VAL B 132 -19.01 -6.88 0.12
CA VAL B 132 -18.37 -7.60 1.22
C VAL B 132 -19.48 -8.05 2.17
N PRO B 133 -19.80 -9.36 2.16
CA PRO B 133 -20.82 -9.91 3.05
C PRO B 133 -20.54 -9.58 4.52
N SER C 4 16.08 -16.51 -13.92
CA SER C 4 15.83 -17.93 -13.70
C SER C 4 14.96 -18.53 -14.80
N GLN C 5 15.15 -19.82 -15.06
CA GLN C 5 14.19 -20.59 -15.81
C GLN C 5 13.06 -20.86 -14.85
N GLY C 6 11.98 -21.45 -15.33
CA GLY C 6 10.89 -21.81 -14.46
C GLY C 6 9.78 -20.78 -14.38
N TRP C 7 9.91 -19.71 -15.15
CA TRP C 7 8.84 -18.71 -15.23
C TRP C 7 7.97 -19.00 -16.45
N LYS C 8 6.69 -19.26 -16.22
CA LYS C 8 5.77 -19.64 -17.27
C LYS C 8 4.83 -18.48 -17.58
N TYR C 9 4.67 -18.17 -18.87
CA TYR C 9 3.88 -17.02 -19.28
C TYR C 9 2.40 -17.32 -19.50
N PHE C 10 1.54 -16.43 -19.01
CA PHE C 10 0.11 -16.57 -19.19
C PHE C 10 -0.59 -15.22 -19.00
N LYS C 11 -1.19 -14.72 -20.09
CA LYS C 11 -2.03 -13.51 -20.07
C LYS C 11 -1.41 -12.32 -19.35
N GLY C 12 -0.21 -11.95 -19.77
CA GLY C 12 0.42 -10.74 -19.29
C GLY C 12 1.22 -10.88 -18.01
N ASN C 13 1.30 -12.10 -17.48
CA ASN C 13 2.08 -12.36 -16.28
C ASN C 13 2.96 -13.61 -16.42
N PHE C 14 4.04 -13.63 -15.65
CA PHE C 14 4.88 -14.82 -15.55
C PHE C 14 4.63 -15.49 -14.22
N TYR C 15 4.64 -16.82 -14.20
CA TYR C 15 4.35 -17.55 -12.97
C TYR C 15 5.46 -18.53 -12.66
N TYR C 16 5.88 -18.56 -11.41
CA TYR C 16 6.96 -19.42 -10.94
C TYR C 16 6.41 -20.44 -9.96
N PHE C 17 6.47 -21.72 -10.33
CA PHE C 17 6.06 -22.82 -9.44
C PHE C 17 7.31 -23.38 -8.75
N SER C 18 7.41 -23.18 -7.44
CA SER C 18 8.67 -23.49 -6.73
C SER C 18 9.03 -24.98 -6.67
N LEU C 19 10.33 -25.23 -6.50
CA LEU C 19 10.81 -26.60 -6.29
C LEU C 19 11.01 -26.89 -4.80
N ILE C 20 11.11 -25.82 -4.00
CA ILE C 20 11.37 -25.92 -2.57
C ILE C 20 10.18 -25.40 -1.76
N PRO C 21 9.81 -26.11 -0.68
CA PRO C 21 8.68 -25.71 0.17
C PRO C 21 9.08 -24.65 1.19
N LYS C 22 8.14 -23.75 1.49
CA LYS C 22 8.36 -22.70 2.49
C LYS C 22 7.06 -22.41 3.20
N THR C 23 7.16 -21.72 4.33
CA THR C 23 5.96 -21.19 4.98
C THR C 23 5.36 -20.16 4.05
N TRP C 24 4.12 -19.78 4.31
CA TRP C 24 3.46 -18.79 3.46
C TRP C 24 4.27 -17.51 3.36
N TYR C 25 4.68 -16.97 4.50
CA TYR C 25 5.35 -15.68 4.46
C TYR C 25 6.78 -15.79 3.90
N SER C 26 7.47 -16.88 4.22
CA SER C 26 8.79 -17.09 3.64
C SER C 26 8.69 -17.28 2.13
N ALA C 27 7.60 -17.90 1.69
CA ALA C 27 7.31 -17.97 0.25
C ALA C 27 7.12 -16.58 -0.33
N GLU C 28 6.29 -15.75 0.31
CA GLU C 28 6.11 -14.38 -0.15
C GLU C 28 7.42 -13.61 -0.22
N GLN C 29 8.28 -13.82 0.78
CA GLN C 29 9.58 -13.16 0.81
C GLN C 29 10.47 -13.56 -0.38
N PHE C 30 10.40 -14.84 -0.73
CA PHE C 30 11.12 -15.31 -1.90
C PHE C 30 10.55 -14.64 -3.16
N CYS C 31 9.22 -14.61 -3.27
CA CYS C 31 8.61 -13.96 -4.43
C CYS C 31 9.06 -12.50 -4.54
N VAL C 32 8.99 -11.79 -3.43
CA VAL C 32 9.42 -10.38 -3.41
C VAL C 32 10.88 -10.21 -3.88
N SER C 33 11.76 -11.11 -3.43
CA SER C 33 13.17 -11.07 -3.83
C SER C 33 13.33 -11.30 -5.34
N ARG C 34 12.30 -11.88 -5.97
CA ARG C 34 12.31 -12.10 -7.42
CA ARG C 34 12.28 -12.12 -7.40
C ARG C 34 11.35 -11.17 -8.13
N ASN C 35 11.12 -9.99 -7.55
CA ASN C 35 10.29 -8.94 -8.12
C ASN C 35 8.86 -9.40 -8.40
N SER C 36 8.29 -10.14 -7.45
CA SER C 36 6.98 -10.75 -7.67
C SER C 36 6.21 -10.87 -6.35
N HIS C 37 5.03 -11.50 -6.41
CA HIS C 37 4.25 -11.77 -5.19
C HIS C 37 3.64 -13.13 -5.34
N LEU C 38 3.25 -13.74 -4.21
CA LEU C 38 2.44 -14.95 -4.30
C LEU C 38 1.21 -14.64 -5.16
N THR C 39 0.82 -15.57 -6.01
CA THR C 39 -0.17 -15.28 -7.03
C THR C 39 -1.57 -15.00 -6.48
N SER C 40 -2.23 -14.01 -7.08
CA SER C 40 -3.65 -13.80 -6.93
C SER C 40 -4.35 -14.62 -8.01
N VAL C 41 -5.66 -14.79 -7.88
CA VAL C 41 -6.43 -15.53 -8.85
C VAL C 41 -7.70 -14.74 -9.11
N THR C 42 -7.86 -14.22 -10.32
CA THR C 42 -8.96 -13.29 -10.58
C THR C 42 -9.82 -13.66 -11.78
N SER C 43 -9.68 -14.89 -12.27
CA SER C 43 -10.53 -15.37 -13.36
C SER C 43 -10.51 -16.89 -13.40
N GLU C 44 -11.55 -17.47 -14.01
CA GLU C 44 -11.59 -18.91 -14.21
C GLU C 44 -10.40 -19.41 -15.03
N SER C 45 -10.04 -18.67 -16.08
CA SER C 45 -8.92 -19.10 -16.91
C SER C 45 -7.59 -19.09 -16.16
N GLU C 46 -7.42 -18.14 -15.24
CA GLU C 46 -6.21 -18.12 -14.42
C GLU C 46 -6.20 -19.30 -13.45
N GLN C 47 -7.33 -19.56 -12.79
CA GLN C 47 -7.44 -20.69 -11.88
C GLN C 47 -7.17 -22.01 -12.59
N GLU C 48 -7.71 -22.14 -13.81
CA GLU C 48 -7.50 -23.31 -14.65
C GLU C 48 -6.02 -23.49 -14.98
N PHE C 49 -5.36 -22.40 -15.39
CA PHE C 49 -3.93 -22.43 -15.68
C PHE C 49 -3.15 -22.91 -14.46
N LEU C 50 -3.50 -22.39 -13.30
CA LEU C 50 -2.78 -22.71 -12.08
C LEU C 50 -2.95 -24.15 -11.63
N TYR C 51 -4.19 -24.63 -11.58
CA TYR C 51 -4.38 -25.99 -11.07
C TYR C 51 -3.88 -27.04 -12.05
N LYS C 52 -4.04 -26.81 -13.34
CA LYS C 52 -3.50 -27.73 -14.33
C LYS C 52 -1.98 -27.79 -14.25
N THR C 53 -1.35 -26.61 -14.19
CA THR C 53 0.10 -26.57 -14.11
C THR C 53 0.58 -27.21 -12.81
N ALA C 54 -0.23 -27.07 -11.75
CA ALA C 54 0.16 -27.58 -10.44
C ALA C 54 0.28 -29.10 -10.48
N GLY C 55 -0.49 -29.73 -11.36
CA GLY C 55 -0.35 -31.15 -11.60
C GLY C 55 -0.51 -32.01 -10.36
N GLY C 56 -1.36 -31.57 -9.44
CA GLY C 56 -1.64 -32.36 -8.25
C GLY C 56 -0.81 -32.03 -7.02
N LEU C 57 0.22 -31.21 -7.19
CA LEU C 57 1.01 -30.77 -6.04
C LEU C 57 0.31 -29.59 -5.38
N ILE C 58 0.59 -29.38 -4.10
CA ILE C 58 -0.04 -28.29 -3.34
C ILE C 58 0.89 -27.08 -3.28
N TYR C 59 0.37 -25.92 -3.67
CA TYR C 59 1.16 -24.70 -3.71
C TYR C 59 0.46 -23.58 -2.94
N TRP C 60 1.19 -22.91 -2.07
CA TRP C 60 0.68 -21.66 -1.49
C TRP C 60 0.35 -20.69 -2.63
N ILE C 61 -0.74 -19.96 -2.48
CA ILE C 61 -0.98 -18.81 -3.35
C ILE C 61 -1.10 -17.58 -2.43
N GLY C 62 -1.45 -16.42 -2.98
CA GLY C 62 -1.37 -15.19 -2.21
C GLY C 62 -2.56 -14.88 -1.32
N LEU C 63 -3.32 -15.91 -0.99
CA LEU C 63 -4.53 -15.80 -0.18
C LEU C 63 -4.18 -15.74 1.30
N THR C 64 -4.65 -14.70 1.99
CA THR C 64 -4.39 -14.62 3.41
C THR C 64 -5.45 -13.77 4.09
N LYS C 65 -5.72 -14.06 5.36
CA LYS C 65 -6.66 -13.21 6.09
C LYS C 65 -6.00 -11.91 6.50
N ALA C 66 -6.76 -10.82 6.42
CA ALA C 66 -6.30 -9.52 6.88
C ALA C 66 -7.48 -8.71 7.42
N GLY C 67 -7.28 -8.06 8.57
CA GLY C 67 -8.31 -7.22 9.17
C GLY C 67 -8.99 -7.84 10.37
N MET C 68 -9.85 -7.04 11.01
CA MET C 68 -10.51 -7.46 12.24
C MET C 68 -11.58 -8.53 11.99
N GLU C 69 -12.09 -8.60 10.78
CA GLU C 69 -13.09 -9.60 10.44
C GLU C 69 -12.43 -10.88 9.92
N GLY C 70 -11.12 -10.81 9.72
CA GLY C 70 -10.38 -11.93 9.17
C GLY C 70 -10.85 -12.24 7.77
N ASP C 71 -11.20 -11.19 7.02
CA ASP C 71 -11.62 -11.40 5.64
C ASP C 71 -10.42 -11.82 4.80
N TRP C 72 -10.67 -12.65 3.80
CA TRP C 72 -9.62 -13.07 2.90
C TRP C 72 -9.18 -11.89 2.03
N SER C 73 -7.90 -11.89 1.70
CA SER C 73 -7.30 -10.84 0.90
C SER C 73 -6.22 -11.43 0.01
N TRP C 74 -5.75 -10.63 -0.94
CA TRP C 74 -4.62 -11.00 -1.77
C TRP C 74 -3.37 -10.20 -1.37
N VAL C 75 -2.25 -10.89 -1.18
CA VAL C 75 -1.03 -10.19 -0.76
C VAL C 75 -0.53 -9.16 -1.80
N ASP C 76 -0.85 -9.38 -3.07
CA ASP C 76 -0.43 -8.45 -4.11
C ASP C 76 -1.35 -7.20 -4.20
N ASP C 77 -2.28 -7.11 -3.26
CA ASP C 77 -3.21 -5.96 -3.11
C ASP C 77 -4.41 -5.89 -4.06
N THR C 78 -4.55 -6.90 -4.92
CA THR C 78 -5.80 -7.04 -5.67
C THR C 78 -6.98 -7.07 -4.69
N PRO C 79 -7.96 -6.17 -4.86
CA PRO C 79 -9.16 -6.25 -4.01
C PRO C 79 -9.79 -7.64 -4.08
N PHE C 80 -10.13 -8.21 -2.92
CA PHE C 80 -10.73 -9.54 -2.90
C PHE C 80 -12.21 -9.47 -3.28
N ASN C 81 -12.61 -10.31 -4.24
CA ASN C 81 -13.99 -10.36 -4.70
C ASN C 81 -14.59 -11.67 -4.22
N LYS C 82 -15.29 -11.62 -3.10
CA LYS C 82 -15.80 -12.85 -2.48
C LYS C 82 -16.82 -13.54 -3.39
N VAL C 83 -17.69 -12.77 -4.04
CA VAL C 83 -18.73 -13.32 -4.92
C VAL C 83 -18.11 -14.19 -5.98
N GLN C 84 -17.11 -13.64 -6.66
CA GLN C 84 -16.50 -14.29 -7.80
C GLN C 84 -15.51 -15.37 -7.38
N SER C 85 -15.04 -15.30 -6.14
CA SER C 85 -14.04 -16.26 -5.65
C SER C 85 -14.66 -17.49 -5.00
N ALA C 86 -15.95 -17.43 -4.68
CA ALA C 86 -16.63 -18.53 -4.01
C ALA C 86 -16.45 -19.86 -4.73
N ARG C 87 -16.49 -19.81 -6.05
CA ARG C 87 -16.42 -21.01 -6.88
C ARG C 87 -15.08 -21.72 -6.82
N PHE C 88 -14.07 -21.09 -6.24
CA PHE C 88 -12.72 -21.61 -6.32
C PHE C 88 -12.26 -22.42 -5.11
N TRP C 89 -13.06 -22.45 -4.05
CA TRP C 89 -12.72 -23.23 -2.85
C TRP C 89 -13.14 -24.69 -3.02
N ILE C 90 -12.31 -25.60 -2.53
CA ILE C 90 -12.72 -27.00 -2.34
C ILE C 90 -14.01 -27.03 -1.50
N PRO C 91 -14.95 -27.93 -1.83
CA PRO C 91 -16.18 -28.03 -1.03
C PRO C 91 -15.84 -28.20 0.45
N GLY C 92 -16.50 -27.40 1.29
CA GLY C 92 -16.27 -27.44 2.71
C GLY C 92 -15.20 -26.46 3.17
N GLU C 93 -14.47 -25.87 2.23
CA GLU C 93 -13.44 -24.90 2.60
C GLU C 93 -13.95 -23.49 2.30
N PRO C 94 -13.45 -22.48 3.04
CA PRO C 94 -12.46 -22.63 4.11
C PRO C 94 -13.10 -23.08 5.42
N ASN C 95 -12.43 -23.98 6.14
CA ASN C 95 -13.02 -24.56 7.35
C ASN C 95 -12.32 -24.12 8.63
N ASN C 96 -11.25 -23.33 8.49
CA ASN C 96 -10.51 -22.82 9.65
C ASN C 96 -10.26 -23.91 10.69
N ALA C 97 -9.67 -25.02 10.26
CA ALA C 97 -9.38 -26.14 11.15
C ALA C 97 -8.52 -25.67 12.33
N GLY C 98 -8.95 -26.02 13.54
CA GLY C 98 -8.24 -25.66 14.76
C GLY C 98 -8.16 -24.16 15.00
N ASN C 99 -9.06 -23.42 14.37
CA ASN C 99 -9.06 -21.95 14.44
C ASN C 99 -7.70 -21.35 14.07
N ASN C 100 -6.97 -21.99 13.16
CA ASN C 100 -5.60 -21.57 12.90
C ASN C 100 -5.20 -21.64 11.42
N GLU C 101 -6.16 -21.57 10.52
CA GLU C 101 -5.88 -21.65 9.08
C GLU C 101 -6.14 -20.30 8.40
N HIS C 102 -5.10 -19.48 8.33
CA HIS C 102 -5.30 -18.07 7.95
C HIS C 102 -4.58 -17.74 6.66
N CYS C 103 -4.14 -18.77 5.95
CA CYS C 103 -3.53 -18.63 4.61
C CYS C 103 -4.15 -19.64 3.67
N GLY C 104 -4.01 -19.42 2.37
CA GLY C 104 -4.63 -20.29 1.37
C GLY C 104 -3.68 -20.90 0.35
N ASN C 105 -3.95 -22.15 -0.02
CA ASN C 105 -3.18 -22.81 -1.06
C ASN C 105 -4.08 -23.39 -2.15
N ILE C 106 -3.48 -23.74 -3.29
CA ILE C 106 -4.16 -24.52 -4.31
C ILE C 106 -3.84 -25.98 -4.02
N LYS C 107 -4.88 -26.79 -3.84
CA LYS C 107 -4.71 -28.15 -3.36
C LYS C 107 -5.28 -29.21 -4.31
N ALA C 108 -6.55 -29.06 -4.67
CA ALA C 108 -7.24 -30.07 -5.50
C ALA C 108 -7.05 -29.84 -7.00
N PRO C 109 -7.03 -30.95 -7.78
CA PRO C 109 -6.91 -30.88 -9.24
C PRO C 109 -8.23 -30.54 -9.91
N SER C 110 -8.77 -29.37 -9.59
CA SER C 110 -10.10 -28.95 -10.02
C SER C 110 -10.24 -27.43 -9.91
N LEU C 111 -11.22 -26.86 -10.61
CA LEU C 111 -11.50 -25.44 -10.47
C LEU C 111 -11.79 -25.12 -9.01
N GLN C 112 -12.39 -26.07 -8.31
CA GLN C 112 -12.56 -25.96 -6.87
C GLN C 112 -11.31 -26.49 -6.19
N ALA C 113 -10.33 -25.62 -5.99
CA ALA C 113 -9.00 -26.08 -5.66
C ALA C 113 -8.46 -25.58 -4.33
N TRP C 114 -8.98 -24.47 -3.82
CA TRP C 114 -8.35 -23.81 -2.68
C TRP C 114 -8.67 -24.44 -1.34
N ASN C 115 -7.67 -24.48 -0.48
CA ASN C 115 -7.87 -24.84 0.91
C ASN C 115 -7.24 -23.79 1.82
N ASP C 116 -7.85 -23.55 2.97
CA ASP C 116 -7.17 -22.77 4.02
C ASP C 116 -6.33 -23.70 4.88
N ALA C 117 -5.14 -23.22 5.24
CA ALA C 117 -4.17 -24.01 5.97
C ALA C 117 -3.37 -23.09 6.88
N PRO C 118 -2.70 -23.65 7.89
CA PRO C 118 -1.92 -22.78 8.76
C PRO C 118 -0.75 -22.10 8.04
N CYS C 119 -0.59 -20.80 8.27
CA CYS C 119 0.42 -20.04 7.54
C CYS C 119 1.84 -20.51 7.83
N ASP C 120 2.05 -21.17 8.96
CA ASP C 120 3.39 -21.59 9.35
C ASP C 120 3.71 -23.01 8.88
N LYS C 121 2.80 -23.60 8.10
CA LYS C 121 3.08 -24.87 7.45
C LYS C 121 3.85 -24.65 6.15
N THR C 122 4.64 -25.63 5.71
CA THR C 122 5.45 -25.44 4.52
C THR C 122 4.85 -26.17 3.33
N PHE C 123 4.81 -25.47 2.19
CA PHE C 123 4.37 -26.03 0.92
C PHE C 123 5.19 -25.39 -0.19
N LEU C 124 5.19 -26.02 -1.36
CA LEU C 124 5.68 -25.34 -2.55
C LEU C 124 4.79 -24.10 -2.69
N PHE C 125 5.17 -23.20 -3.59
CA PHE C 125 4.46 -21.93 -3.72
C PHE C 125 4.52 -21.39 -5.15
N ILE C 126 3.60 -20.48 -5.50
CA ILE C 126 3.55 -19.93 -6.85
C ILE C 126 3.66 -18.41 -6.80
N CYS C 127 4.68 -17.87 -7.48
CA CYS C 127 4.85 -16.42 -7.63
C CYS C 127 4.26 -15.94 -8.94
N LYS C 128 3.82 -14.69 -8.97
CA LYS C 128 3.28 -14.06 -10.17
C LYS C 128 4.01 -12.73 -10.38
N ARG C 129 4.51 -12.53 -11.58
CA ARG C 129 5.30 -11.36 -11.92
CA ARG C 129 5.30 -11.36 -11.92
C ARG C 129 4.73 -10.72 -13.18
N PRO C 130 4.39 -9.44 -13.11
CA PRO C 130 3.82 -8.82 -14.31
C PRO C 130 4.83 -8.74 -15.46
N TYR C 131 4.35 -8.89 -16.69
CA TYR C 131 5.17 -8.59 -17.85
C TYR C 131 4.86 -7.16 -18.27
N VAL C 132 5.89 -6.34 -18.41
CA VAL C 132 5.69 -4.95 -18.80
C VAL C 132 6.40 -4.65 -20.12
N PRO C 133 5.66 -4.74 -21.24
CA PRO C 133 6.23 -4.52 -22.57
C PRO C 133 6.95 -3.19 -22.64
N GLN D 5 18.13 18.78 -10.36
CA GLN D 5 18.95 19.12 -9.21
C GLN D 5 18.18 20.08 -8.30
N GLY D 6 18.85 20.55 -7.24
CA GLY D 6 18.23 21.49 -6.31
C GLY D 6 17.79 20.86 -5.00
N TRP D 7 18.10 19.58 -4.82
CA TRP D 7 17.69 18.86 -3.62
C TRP D 7 18.54 19.22 -2.39
N LYS D 8 17.87 19.42 -1.26
CA LYS D 8 18.52 19.80 -0.01
C LYS D 8 18.52 18.62 0.94
N TYR D 9 19.63 18.39 1.62
CA TYR D 9 19.77 17.21 2.49
C TYR D 9 19.45 17.51 3.94
N PHE D 10 18.66 16.64 4.57
CA PHE D 10 18.34 16.74 5.99
C PHE D 10 18.01 15.37 6.56
N LYS D 11 18.81 14.93 7.53
CA LYS D 11 18.60 13.66 8.25
C LYS D 11 18.15 12.47 7.40
N GLY D 12 18.96 12.13 6.39
CA GLY D 12 18.74 10.92 5.62
C GLY D 12 17.69 11.03 4.52
N ASN D 13 17.25 12.25 4.27
CA ASN D 13 16.33 12.52 3.17
C ASN D 13 16.77 13.73 2.37
N PHE D 14 16.35 13.79 1.12
CA PHE D 14 16.55 14.94 0.26
C PHE D 14 15.20 15.62 0.04
N TYR D 15 15.21 16.94 -0.02
CA TYR D 15 13.99 17.73 -0.17
C TYR D 15 14.08 18.69 -1.34
N TYR D 16 12.98 18.76 -2.09
CA TYR D 16 12.88 19.64 -3.24
C TYR D 16 11.80 20.69 -2.98
N PHE D 17 12.21 21.96 -2.92
CA PHE D 17 11.26 23.04 -2.73
C PHE D 17 10.96 23.64 -4.11
N SER D 18 9.74 23.44 -4.60
CA SER D 18 9.45 23.81 -6.00
C SER D 18 9.48 25.32 -6.21
N LEU D 19 9.68 25.71 -7.45
CA LEU D 19 9.54 27.10 -7.87
C LEU D 19 8.22 27.35 -8.63
N ILE D 20 7.57 26.26 -9.03
CA ILE D 20 6.35 26.32 -9.83
C ILE D 20 5.18 25.83 -8.97
N PRO D 21 4.03 26.53 -9.02
CA PRO D 21 2.89 26.08 -8.20
C PRO D 21 2.02 25.03 -8.91
N LYS D 22 1.46 24.11 -8.14
CA LYS D 22 0.59 23.07 -8.69
C LYS D 22 -0.52 22.73 -7.71
N THR D 23 -1.54 22.02 -8.18
CA THR D 23 -2.54 21.46 -7.29
C THR D 23 -1.86 20.41 -6.43
N TRP D 24 -2.51 20.05 -5.33
CA TRP D 24 -1.92 19.03 -4.45
C TRP D 24 -1.60 17.75 -5.22
N TYR D 25 -2.54 17.23 -5.99
CA TYR D 25 -2.27 15.97 -6.67
C TYR D 25 -1.26 16.10 -7.83
N SER D 26 -1.33 17.20 -8.58
CA SER D 26 -0.34 17.41 -9.62
C SER D 26 1.06 17.57 -8.98
N ALA D 27 1.13 18.20 -7.82
CA ALA D 27 2.38 18.27 -7.07
C ALA D 27 2.88 16.87 -6.75
N GLU D 28 1.99 16.03 -6.19
CA GLU D 28 2.37 14.67 -5.86
C GLU D 28 2.86 13.91 -7.10
N GLN D 29 2.16 14.06 -8.22
CA GLN D 29 2.60 13.41 -9.46
C GLN D 29 3.99 13.87 -9.89
N PHE D 30 4.26 15.18 -9.74
CA PHE D 30 5.58 15.69 -10.01
C PHE D 30 6.60 15.02 -9.10
N CYS D 31 6.29 14.91 -7.81
CA CYS D 31 7.22 14.25 -6.89
C CYS D 31 7.48 12.79 -7.29
N VAL D 32 6.41 12.08 -7.63
CA VAL D 32 6.51 10.70 -8.07
C VAL D 32 7.42 10.59 -9.30
N SER D 33 7.28 11.53 -10.24
CA SER D 33 8.12 11.53 -11.44
C SER D 33 9.59 11.70 -11.10
N ARG D 34 9.87 12.28 -9.94
CA ARG D 34 11.25 12.45 -9.45
C ARG D 34 11.56 11.44 -8.33
N ASN D 35 10.88 10.30 -8.34
CA ASN D 35 11.14 9.24 -7.37
C ASN D 35 11.00 9.70 -5.92
N SER D 36 9.96 10.47 -5.66
CA SER D 36 9.75 11.03 -4.33
C SER D 36 8.26 11.15 -4.03
N HIS D 37 7.94 11.76 -2.88
CA HIS D 37 6.55 12.03 -2.52
C HIS D 37 6.50 13.41 -1.87
N LEU D 38 5.33 14.03 -1.90
CA LEU D 38 5.14 15.22 -1.07
C LEU D 38 5.55 14.85 0.36
N THR D 39 6.25 15.76 1.01
CA THR D 39 6.89 15.46 2.27
C THR D 39 5.93 15.14 3.44
N SER D 40 6.29 14.12 4.21
CA SER D 40 5.74 13.92 5.54
C SER D 40 6.53 14.77 6.56
N VAL D 41 5.99 14.89 7.77
CA VAL D 41 6.66 15.64 8.84
C VAL D 41 6.49 14.83 10.09
N THR D 42 7.57 14.31 10.63
CA THR D 42 7.46 13.36 11.73
C THR D 42 8.31 13.70 12.95
N SER D 43 8.92 14.87 12.95
CA SER D 43 9.61 15.33 14.14
C SER D 43 9.62 16.85 14.17
N GLU D 44 9.84 17.39 15.37
CA GLU D 44 9.97 18.82 15.51
C GLU D 44 11.12 19.35 14.65
N SER D 45 12.24 18.63 14.61
CA SER D 45 13.40 19.11 13.86
C SER D 45 13.12 19.14 12.36
N GLU D 46 12.34 18.18 11.87
CA GLU D 46 11.95 18.20 10.47
C GLU D 46 11.00 19.37 10.18
N GLN D 47 10.01 19.57 11.05
CA GLN D 47 9.11 20.71 10.93
C GLN D 47 9.89 22.03 10.90
N GLU D 48 10.88 22.14 11.78
CA GLU D 48 11.74 23.32 11.84
C GLU D 48 12.53 23.51 10.54
N PHE D 49 13.18 22.45 10.07
CA PHE D 49 13.90 22.53 8.78
C PHE D 49 12.97 23.01 7.67
N LEU D 50 11.76 22.46 7.63
CA LEU D 50 10.85 22.77 6.56
C LEU D 50 10.29 24.19 6.61
N TYR D 51 9.83 24.64 7.79
CA TYR D 51 9.28 25.98 7.84
C TYR D 51 10.36 27.04 7.66
N LYS D 52 11.55 26.76 8.19
CA LYS D 52 12.65 27.72 8.07
C LYS D 52 13.07 27.84 6.61
N THR D 53 13.20 26.70 5.94
CA THR D 53 13.57 26.72 4.53
C THR D 53 12.48 27.34 3.67
N ALA D 54 11.21 27.13 4.04
CA ALA D 54 10.09 27.72 3.32
C ALA D 54 10.15 29.26 3.31
N GLY D 55 10.76 29.81 4.35
CA GLY D 55 11.04 31.24 4.39
C GLY D 55 9.80 32.09 4.29
N GLY D 56 8.71 31.62 4.87
CA GLY D 56 7.50 32.41 4.93
C GLY D 56 6.55 32.27 3.76
N LEU D 57 6.90 31.45 2.77
CA LEU D 57 6.02 31.10 1.65
C LEU D 57 5.23 29.81 1.90
N ILE D 58 4.12 29.65 1.20
CA ILE D 58 3.23 28.49 1.39
C ILE D 58 3.53 27.33 0.44
N TYR D 59 3.74 26.14 1.00
CA TYR D 59 4.05 24.97 0.20
C TYR D 59 3.15 23.81 0.57
N TRP D 60 2.58 23.14 -0.43
CA TRP D 60 1.91 21.86 -0.20
C TRP D 60 2.89 20.88 0.44
N ILE D 61 2.40 20.13 1.43
CA ILE D 61 3.12 18.97 1.93
C ILE D 61 2.21 17.77 1.77
N GLY D 62 2.65 16.61 2.25
CA GLY D 62 1.97 15.37 1.93
C GLY D 62 0.75 15.07 2.77
N LEU D 63 0.20 16.11 3.41
CA LEU D 63 -0.99 15.99 4.26
C LEU D 63 -2.25 15.89 3.44
N THR D 64 -3.08 14.88 3.71
CA THR D 64 -4.33 14.75 2.99
C THR D 64 -5.31 13.85 3.75
N LYS D 65 -6.60 14.10 3.56
CA LYS D 65 -7.61 13.24 4.19
C LYS D 65 -7.71 11.91 3.44
N ALA D 66 -7.90 10.82 4.19
CA ALA D 66 -8.08 9.49 3.61
C ALA D 66 -8.85 8.57 4.57
N GLY D 67 -9.28 7.42 4.07
CA GLY D 67 -10.10 6.51 4.87
C GLY D 67 -11.51 7.04 5.06
N MET D 68 -12.39 6.20 5.59
CA MET D 68 -13.81 6.51 5.73
C MET D 68 -14.13 7.77 6.56
N GLU D 69 -13.37 7.98 7.62
CA GLU D 69 -13.64 9.09 8.54
C GLU D 69 -13.00 10.42 8.13
N GLY D 70 -12.22 10.40 7.05
CA GLY D 70 -11.55 11.61 6.61
C GLY D 70 -10.48 12.06 7.59
N ASP D 71 -9.89 11.10 8.30
CA ASP D 71 -8.78 11.43 9.17
C ASP D 71 -7.57 11.81 8.33
N TRP D 72 -6.72 12.67 8.87
CA TRP D 72 -5.53 13.08 8.15
C TRP D 72 -4.54 11.95 8.00
N SER D 73 -3.83 11.97 6.87
CA SER D 73 -2.88 10.92 6.54
C SER D 73 -1.72 11.55 5.79
N TRP D 74 -0.65 10.76 5.62
CA TRP D 74 0.49 11.12 4.79
C TRP D 74 0.50 10.34 3.48
N VAL D 75 0.69 11.03 2.36
CA VAL D 75 0.63 10.37 1.06
C VAL D 75 1.79 9.38 0.89
N ASP D 76 2.88 9.60 1.62
CA ASP D 76 4.02 8.67 1.55
C ASP D 76 3.82 7.41 2.40
N ASP D 77 2.63 7.31 3.01
CA ASP D 77 2.18 6.16 3.80
C ASP D 77 2.76 6.08 5.21
N THR D 78 3.53 7.09 5.61
CA THR D 78 3.91 7.20 7.02
C THR D 78 2.62 7.22 7.84
N PRO D 79 2.50 6.34 8.84
CA PRO D 79 1.33 6.46 9.72
C PRO D 79 1.24 7.86 10.32
N PHE D 80 0.03 8.42 10.36
CA PHE D 80 -0.18 9.78 10.86
C PHE D 80 -0.45 9.73 12.36
N ASN D 81 0.38 10.46 13.12
CA ASN D 81 0.25 10.48 14.57
C ASN D 81 -0.53 11.73 14.94
N LYS D 82 -1.80 11.56 15.26
CA LYS D 82 -2.66 12.71 15.51
C LYS D 82 -2.22 13.47 16.75
N VAL D 83 -1.89 12.71 17.80
CA VAL D 83 -1.50 13.31 19.08
C VAL D 83 -0.25 14.15 18.91
N GLN D 84 0.79 13.56 18.33
CA GLN D 84 2.08 14.24 18.16
C GLN D 84 2.05 15.34 17.10
N SER D 85 1.09 15.29 16.18
CA SER D 85 1.03 16.28 15.12
C SER D 85 0.20 17.48 15.51
N ALA D 86 -0.50 17.37 16.64
CA ALA D 86 -1.43 18.43 17.06
C ALA D 86 -0.72 19.76 17.15
N ARG D 87 0.50 19.72 17.63
CA ARG D 87 1.26 20.95 17.86
C ARG D 87 1.79 21.56 16.57
N PHE D 88 1.59 20.88 15.43
CA PHE D 88 2.15 21.38 14.17
C PHE D 88 1.16 22.21 13.34
N TRP D 89 -0.11 22.19 13.73
CA TRP D 89 -1.12 22.99 13.06
C TRP D 89 -1.12 24.42 13.61
N ILE D 90 -1.45 25.35 12.74
CA ILE D 90 -1.74 26.70 13.18
C ILE D 90 -2.99 26.58 14.06
N PRO D 91 -2.95 27.15 15.28
CA PRO D 91 -4.13 27.02 16.14
C PRO D 91 -5.41 27.40 15.39
N GLY D 92 -6.43 26.57 15.53
CA GLY D 92 -7.68 26.80 14.80
C GLY D 92 -7.79 25.97 13.54
N GLU D 93 -6.65 25.51 13.04
CA GLU D 93 -6.63 24.61 11.89
C GLU D 93 -6.47 23.19 12.40
N PRO D 94 -6.97 22.19 11.64
CA PRO D 94 -7.69 22.34 10.37
C PRO D 94 -9.14 22.74 10.55
N ASN D 95 -9.61 23.70 9.76
CA ASN D 95 -10.95 24.24 9.95
C ASN D 95 -11.94 23.89 8.85
N ASN D 96 -11.48 23.14 7.85
CA ASN D 96 -12.35 22.69 6.75
C ASN D 96 -13.23 23.81 6.20
N ALA D 97 -12.60 24.93 5.83
CA ALA D 97 -13.32 26.08 5.28
C ALA D 97 -14.17 25.68 4.08
N GLY D 98 -15.45 26.05 4.12
CA GLY D 98 -16.35 25.73 3.03
C GLY D 98 -16.55 24.24 2.82
N ASN D 99 -16.26 23.45 3.86
CA ASN D 99 -16.32 22.00 3.80
C ASN D 99 -15.57 21.42 2.63
N ASN D 100 -14.42 22.01 2.31
CA ASN D 100 -13.71 21.61 1.11
C ASN D 100 -12.20 21.71 1.24
N GLU D 101 -11.68 21.59 2.46
CA GLU D 101 -10.24 21.68 2.65
C GLU D 101 -9.68 20.34 3.06
N HIS D 102 -9.31 19.54 2.05
CA HIS D 102 -8.95 18.14 2.28
C HIS D 102 -7.47 17.81 2.06
N CYS D 103 -6.66 18.84 1.85
CA CYS D 103 -5.20 18.70 1.76
C CYS D 103 -4.54 19.72 2.65
N GLY D 104 -3.25 19.54 2.94
CA GLY D 104 -2.60 20.42 3.89
C GLY D 104 -1.30 20.99 3.36
N ASN D 105 -0.99 22.20 3.83
CA ASN D 105 0.24 22.91 3.45
C ASN D 105 0.98 23.47 4.66
N ILE D 106 2.24 23.85 4.47
CA ILE D 106 2.97 24.65 5.44
C ILE D 106 2.72 26.11 5.07
N LYS D 107 2.16 26.86 6.01
CA LYS D 107 1.73 28.23 5.74
C LYS D 107 2.51 29.26 6.57
N ALA D 108 2.66 28.99 7.87
CA ALA D 108 3.26 29.97 8.78
C ALA D 108 4.66 29.55 9.18
N PRO D 109 5.59 30.50 9.31
CA PRO D 109 6.95 30.18 9.72
C PRO D 109 7.03 30.03 11.23
N SER D 110 6.58 28.88 11.72
CA SER D 110 6.49 28.60 13.14
C SER D 110 6.34 27.10 13.25
N LEU D 111 6.63 26.55 14.42
CA LEU D 111 6.36 25.14 14.62
C LEU D 111 4.87 24.88 14.41
N GLN D 112 4.05 25.89 14.72
CA GLN D 112 2.62 25.82 14.41
C GLN D 112 2.41 26.39 13.01
N ALA D 113 2.53 25.50 12.03
CA ALA D 113 2.70 25.91 10.64
C ALA D 113 1.61 25.51 9.66
N TRP D 114 0.92 24.41 9.91
CA TRP D 114 0.10 23.81 8.86
C TRP D 114 -1.28 24.42 8.76
N ASN D 115 -1.77 24.47 7.53
CA ASN D 115 -3.16 24.84 7.25
C ASN D 115 -3.82 23.84 6.31
N ASP D 116 -5.10 23.56 6.50
CA ASP D 116 -5.85 22.81 5.50
C ASP D 116 -6.41 23.76 4.43
N ALA D 117 -6.30 23.33 3.18
CA ALA D 117 -6.71 24.11 2.02
C ALA D 117 -7.29 23.21 0.93
N PRO D 118 -8.07 23.78 -0.01
CA PRO D 118 -8.66 22.92 -1.04
C PRO D 118 -7.60 22.29 -1.94
N CYS D 119 -7.75 20.99 -2.17
CA CYS D 119 -6.76 20.21 -2.91
C CYS D 119 -6.53 20.72 -4.31
N ASP D 120 -7.56 21.34 -4.90
CA ASP D 120 -7.48 21.82 -6.26
C ASP D 120 -6.92 23.25 -6.39
N LYS D 121 -6.50 23.81 -5.27
CA LYS D 121 -5.82 25.11 -5.26
C LYS D 121 -4.34 24.89 -5.61
N THR D 122 -3.69 25.89 -6.22
CA THR D 122 -2.29 25.76 -6.58
C THR D 122 -1.36 26.47 -5.59
N PHE D 123 -0.30 25.77 -5.18
CA PHE D 123 0.75 26.34 -4.34
C PHE D 123 2.07 25.72 -4.76
N LEU D 124 3.18 26.32 -4.32
CA LEU D 124 4.48 25.66 -4.40
C LEU D 124 4.35 24.40 -3.57
N PHE D 125 5.30 23.48 -3.71
CA PHE D 125 5.21 22.19 -3.02
C PHE D 125 6.59 21.66 -2.62
N ILE D 126 6.62 20.74 -1.66
CA ILE D 126 7.86 20.15 -1.19
C ILE D 126 7.86 18.64 -1.34
N CYS D 127 8.82 18.12 -2.11
CA CYS D 127 9.03 16.68 -2.25
C CYS D 127 10.11 16.19 -1.29
N LYS D 128 9.98 14.93 -0.88
CA LYS D 128 10.95 14.30 0.01
C LYS D 128 11.29 12.94 -0.59
N ARG D 129 12.58 12.61 -0.61
CA ARG D 129 12.98 11.26 -0.99
C ARG D 129 14.17 10.77 -0.18
N PRO D 130 14.20 9.46 0.12
CA PRO D 130 15.24 8.88 0.96
C PRO D 130 16.61 9.03 0.34
N TYR D 131 17.63 9.17 1.16
CA TYR D 131 18.99 9.09 0.65
C TYR D 131 19.27 7.62 0.38
N VAL D 132 19.76 7.31 -0.81
CA VAL D 132 20.05 5.92 -1.16
C VAL D 132 21.55 5.67 -1.28
#